data_3BLJ
#
_entry.id   3BLJ
#
_cell.length_a   45.210
_cell.length_b   68.120
_cell.length_c   158.280
_cell.angle_alpha   90.00
_cell.angle_beta   90.00
_cell.angle_gamma   90.00
#
_symmetry.space_group_name_H-M   'P 21 21 21'
#
loop_
_entity.id
_entity.type
_entity.pdbx_description
1 polymer 'Poly(ADP-ribose) polymerase 15'
2 non-polymer 'SODIUM ION'
3 non-polymer 'CHLORIDE ION'
4 non-polymer GLYCEROL
5 water water
#
_entity_poly.entity_id   1
_entity_poly.type   'polypeptide(L)'
_entity_poly.pdbx_seq_one_letter_code
;MHHHHHHSSGVDLGTENLYFQSMNLPEHWTDMNHQLFCMVQLEPGQSEYNTIKDKFTRTCSSYAIEKIERIQNAFLWQSY
QVKKRQMDIKNDHKNNERLLFHGTDADSVPYVNQHGFNRSCAGKNAVSYGKGTYFAVDASYSAKDTYSKPDSNGRKHMYV
VRVLTGVFTKGRAGLVTPPPKNPHNPTDLFDSVTNNTRSPKLFVVFFDNQAYPEYLITFTA
;
_entity_poly.pdbx_strand_id   A,B
#
loop_
_chem_comp.id
_chem_comp.type
_chem_comp.name
_chem_comp.formula
CL non-polymer 'CHLORIDE ION' 'Cl -1'
GOL non-polymer GLYCEROL 'C3 H8 O3'
NA non-polymer 'SODIUM ION' 'Na 1'
#
# COMPACT_ATOMS: atom_id res chain seq x y z
N LEU A 25 -14.90 11.89 -7.45
CA LEU A 25 -15.76 11.58 -6.26
C LEU A 25 -17.16 11.22 -6.74
N PRO A 26 -17.64 10.01 -6.42
CA PRO A 26 -18.87 9.50 -7.05
C PRO A 26 -20.11 10.40 -6.78
N GLU A 27 -21.13 10.29 -7.63
CA GLU A 27 -22.25 11.22 -7.62
C GLU A 27 -23.18 11.02 -6.42
N HIS A 28 -23.43 9.75 -6.07
CA HIS A 28 -24.32 9.40 -4.96
C HIS A 28 -23.76 9.77 -3.58
N TRP A 29 -22.49 10.16 -3.53
CA TRP A 29 -21.93 10.78 -2.34
C TRP A 29 -22.66 12.09 -2.15
N THR A 30 -22.90 12.46 -0.91
CA THR A 30 -23.58 13.72 -0.65
C THR A 30 -22.54 14.77 -0.28
N ASP A 31 -22.94 16.04 -0.34
CA ASP A 31 -21.99 17.13 -0.17
C ASP A 31 -21.13 17.08 1.09
N MET A 32 -19.82 17.32 0.95
CA MET A 32 -18.92 17.16 2.10
C MET A 32 -18.49 18.46 2.77
N ASN A 33 -19.10 19.58 2.35
CA ASN A 33 -18.75 20.90 2.87
C ASN A 33 -17.26 21.12 2.84
N HIS A 34 -16.62 20.67 1.76
CA HIS A 34 -15.18 20.77 1.59
C HIS A 34 -14.33 19.91 2.50
N GLN A 35 -14.94 19.03 3.30
CA GLN A 35 -14.20 17.95 4.01
C GLN A 35 -13.72 16.80 3.09
N LEU A 36 -12.72 16.07 3.56
CA LEU A 36 -12.13 14.98 2.82
C LEU A 36 -12.59 13.63 3.35
N PHE A 37 -13.19 13.64 4.54
CA PHE A 37 -13.78 12.45 5.14
C PHE A 37 -15.14 12.76 5.85
N CYS A 38 -16.16 11.95 5.56
CA CYS A 38 -17.29 11.79 6.47
C CYS A 38 -18.03 10.47 6.32
N MET A 39 -18.73 10.12 7.40
CA MET A 39 -19.64 8.97 7.48
C MET A 39 -21.06 9.48 7.37
N VAL A 40 -21.79 8.93 6.41
CA VAL A 40 -23.15 9.40 6.17
C VAL A 40 -24.14 8.26 6.41
N GLN A 41 -24.93 8.41 7.45
CA GLN A 41 -25.97 7.47 7.70
C GLN A 41 -27.01 7.45 6.59
N LEU A 42 -27.25 6.26 6.03
CA LEU A 42 -28.28 6.10 4.99
C LEU A 42 -29.69 6.18 5.53
N GLU A 43 -30.57 6.62 4.66
CA GLU A 43 -31.99 6.76 4.97
C GLU A 43 -32.65 5.42 4.62
N PRO A 44 -33.23 4.74 5.63
CA PRO A 44 -33.97 3.51 5.34
C PRO A 44 -35.02 3.68 4.24
N GLY A 45 -35.28 2.62 3.47
CA GLY A 45 -36.37 2.61 2.49
C GLY A 45 -36.10 3.37 1.20
N GLN A 46 -34.93 4.01 1.10
CA GLN A 46 -34.55 4.61 -0.17
C GLN A 46 -33.62 3.65 -0.87
N SER A 47 -33.35 3.94 -2.13
CA SER A 47 -32.77 2.97 -3.04
C SER A 47 -31.36 2.49 -2.60
N GLU A 48 -30.53 3.42 -2.14
CA GLU A 48 -29.16 3.10 -1.78
C GLU A 48 -29.14 2.10 -0.63
N TYR A 49 -29.89 2.41 0.42
CA TYR A 49 -30.07 1.56 1.61
C TYR A 49 -30.67 0.18 1.30
N ASN A 50 -31.69 0.16 0.44
CA ASN A 50 -32.37 -1.05 0.05
C ASN A 50 -31.41 -1.99 -0.69
N THR A 51 -30.61 -1.43 -1.59
CA THR A 51 -29.60 -2.16 -2.35
C THR A 51 -28.57 -2.83 -1.44
N ILE A 52 -28.02 -2.09 -0.48
CA ILE A 52 -27.05 -2.67 0.47
C ILE A 52 -27.71 -3.67 1.45
N LYS A 53 -28.81 -3.27 2.09
CA LYS A 53 -29.59 -4.20 2.92
C LYS A 53 -29.94 -5.51 2.23
N ASP A 54 -30.35 -5.47 0.96
CA ASP A 54 -30.63 -6.69 0.19
C ASP A 54 -29.41 -7.61 0.07
N LYS A 55 -28.22 -7.01 -0.10
CA LYS A 55 -26.98 -7.78 -0.25
C LYS A 55 -26.67 -8.58 1.01
N PHE A 56 -26.84 -7.89 2.12
CA PHE A 56 -26.72 -8.43 3.48
C PHE A 56 -27.76 -9.50 3.84
N THR A 57 -29.05 -9.17 3.69
CA THR A 57 -30.14 -10.08 4.05
C THR A 57 -30.17 -11.35 3.17
N ARG A 58 -29.65 -11.26 1.95
CA ARG A 58 -29.41 -12.43 1.11
C ARG A 58 -28.91 -13.58 1.99
N THR A 59 -27.94 -13.30 2.87
CA THR A 59 -27.48 -14.39 3.71
C THR A 59 -27.67 -14.21 5.24
N CYS A 60 -28.06 -13.02 5.68
CA CYS A 60 -28.17 -12.73 7.10
C CYS A 60 -29.54 -12.17 7.44
N SER A 61 -30.60 -12.76 6.90
CA SER A 61 -31.97 -12.30 7.20
C SER A 61 -32.39 -12.47 8.67
N SER A 62 -31.61 -13.20 9.45
CA SER A 62 -31.92 -13.39 10.88
C SER A 62 -31.29 -12.32 11.78
N TYR A 63 -30.45 -11.48 11.18
CA TYR A 63 -29.79 -10.36 11.87
C TYR A 63 -30.58 -9.10 11.66
N ALA A 64 -30.57 -8.25 12.66
CA ALA A 64 -31.28 -6.96 12.58
C ALA A 64 -30.31 -5.84 12.18
N ILE A 65 -30.64 -5.06 11.16
CA ILE A 65 -29.82 -3.90 10.82
C ILE A 65 -30.14 -2.68 11.71
N GLU A 66 -29.15 -2.16 12.44
CA GLU A 66 -29.36 -0.92 13.16
C GLU A 66 -29.23 0.31 12.28
N LYS A 67 -28.22 0.29 11.41
CA LYS A 67 -27.98 1.39 10.50
C LYS A 67 -26.96 0.98 9.46
N ILE A 68 -26.93 1.72 8.36
CA ILE A 68 -25.91 1.58 7.34
C ILE A 68 -25.37 2.99 7.10
N GLU A 69 -24.05 3.09 7.01
CA GLU A 69 -23.38 4.33 6.72
C GLU A 69 -22.52 4.15 5.49
N ARG A 70 -22.65 5.11 4.57
CA ARG A 70 -21.73 5.30 3.44
C ARG A 70 -20.42 5.98 3.90
N ILE A 71 -19.30 5.35 3.56
CA ILE A 71 -17.98 5.89 3.90
C ILE A 71 -17.52 6.78 2.76
N GLN A 72 -17.35 8.06 3.05
CA GLN A 72 -16.88 8.97 2.03
C GLN A 72 -15.45 9.38 2.42
N ASN A 73 -14.50 8.63 1.91
CA ASN A 73 -13.11 8.92 2.27
C ASN A 73 -12.44 9.28 0.95
N ALA A 74 -12.23 10.58 0.72
CA ALA A 74 -11.73 11.06 -0.57
C ALA A 74 -10.34 10.50 -0.91
N PHE A 75 -9.42 10.47 0.06
CA PHE A 75 -8.04 9.99 -0.17
C PHE A 75 -8.02 8.51 -0.50
N LEU A 76 -8.71 7.68 0.30
CA LEU A 76 -8.78 6.25 -0.04
C LEU A 76 -9.42 6.01 -1.36
N TRP A 77 -10.48 6.76 -1.64
CA TRP A 77 -11.17 6.58 -2.91
C TRP A 77 -10.23 6.88 -4.08
N GLN A 78 -9.51 8.01 -3.99
CA GLN A 78 -8.61 8.41 -5.06
C GLN A 78 -7.55 7.34 -5.32
N SER A 79 -6.94 6.80 -4.26
CA SER A 79 -5.90 5.80 -4.44
C SER A 79 -6.49 4.50 -4.99
N TYR A 80 -7.71 4.20 -4.57
CA TYR A 80 -8.37 3.00 -5.04
C TYR A 80 -8.70 3.09 -6.54
N GLN A 81 -9.23 4.24 -6.94
CA GLN A 81 -9.60 4.52 -8.34
C GLN A 81 -8.41 4.49 -9.25
N VAL A 82 -7.31 5.14 -8.87
CA VAL A 82 -6.02 4.97 -9.54
C VAL A 82 -5.70 3.49 -9.80
N LYS A 83 -5.69 2.67 -8.75
CA LYS A 83 -5.37 1.25 -8.94
C LYS A 83 -6.41 0.55 -9.82
N LYS A 84 -7.66 0.91 -9.70
CA LYS A 84 -8.70 0.30 -10.55
C LYS A 84 -8.42 0.58 -12.02
N ARG A 85 -8.04 1.81 -12.35
CA ARG A 85 -7.71 2.21 -13.71
C ARG A 85 -6.50 1.50 -14.27
N GLN A 86 -5.41 1.45 -13.50
CA GLN A 86 -4.23 0.67 -13.82
C GLN A 86 -4.56 -0.80 -14.11
N MET A 87 -5.36 -1.43 -13.24
CA MET A 87 -5.76 -2.85 -13.42
C MET A 87 -6.68 -3.04 -14.63
N ASP A 88 -7.57 -2.08 -14.88
CA ASP A 88 -8.40 -2.10 -16.09
C ASP A 88 -7.56 -2.05 -17.36
N ILE A 89 -6.49 -1.25 -17.35
CA ILE A 89 -5.53 -1.15 -18.45
C ILE A 89 -4.67 -2.40 -18.60
N LYS A 90 -4.18 -2.90 -17.47
CA LYS A 90 -3.31 -4.05 -17.41
C LYS A 90 -4.03 -5.39 -17.77
N ASN A 91 -5.28 -5.55 -17.40
CA ASN A 91 -5.97 -6.80 -17.66
C ASN A 91 -6.72 -6.79 -19.01
N ASP A 92 -6.75 -7.93 -19.68
CA ASP A 92 -7.43 -8.01 -20.97
C ASP A 92 -8.94 -8.12 -20.75
N HIS A 93 -9.62 -6.97 -20.90
CA HIS A 93 -11.09 -6.89 -20.79
C HIS A 93 -11.71 -7.66 -19.61
N LYS A 94 -11.18 -7.48 -18.41
CA LYS A 94 -11.69 -8.22 -17.26
C LYS A 94 -12.64 -7.34 -16.43
N ASN A 95 -13.56 -7.99 -15.70
CA ASN A 95 -14.28 -7.34 -14.60
C ASN A 95 -13.47 -7.48 -13.33
N ASN A 96 -12.80 -6.38 -12.98
CA ASN A 96 -11.77 -6.40 -11.96
C ASN A 96 -12.27 -6.11 -10.57
N GLU A 97 -13.50 -5.65 -10.47
CA GLU A 97 -14.02 -5.22 -9.18
C GLU A 97 -15.19 -6.06 -8.69
N ARG A 98 -15.18 -6.40 -7.41
CA ARG A 98 -16.27 -7.14 -6.75
C ARG A 98 -16.70 -6.41 -5.50
N LEU A 99 -17.97 -6.57 -5.15
CA LEU A 99 -18.48 -6.14 -3.85
C LEU A 99 -18.44 -7.29 -2.83
N LEU A 100 -17.69 -7.12 -1.75
CA LEU A 100 -17.46 -8.19 -0.78
C LEU A 100 -17.66 -7.67 0.64
N PHE A 101 -17.61 -8.58 1.61
CA PHE A 101 -17.84 -8.18 3.01
C PHE A 101 -16.62 -8.39 3.87
N HIS A 102 -16.59 -7.66 4.99
CA HIS A 102 -15.52 -7.79 5.93
C HIS A 102 -16.00 -7.45 7.33
N GLY A 103 -16.01 -8.45 8.22
CA GLY A 103 -16.41 -8.26 9.61
C GLY A 103 -15.25 -7.63 10.32
N THR A 104 -15.53 -6.69 11.20
CA THR A 104 -14.48 -6.10 12.01
C THR A 104 -14.98 -5.87 13.47
N ASP A 105 -14.07 -5.90 14.44
CA ASP A 105 -14.47 -5.56 15.81
C ASP A 105 -14.62 -4.05 15.86
N ALA A 106 -15.37 -3.56 16.86
CA ALA A 106 -15.69 -2.15 17.05
C ALA A 106 -14.49 -1.20 17.16
N ASP A 107 -13.43 -1.69 17.78
CA ASP A 107 -12.27 -0.85 18.04
C ASP A 107 -11.47 -0.57 16.77
N SER A 108 -11.63 -1.43 15.76
CA SER A 108 -10.94 -1.24 14.49
C SER A 108 -11.71 -0.40 13.47
N VAL A 109 -12.94 -0.01 13.80
CA VAL A 109 -13.83 0.69 12.89
C VAL A 109 -13.29 2.07 12.50
N PRO A 110 -12.86 2.92 13.49
CA PRO A 110 -12.29 4.25 13.12
C PRO A 110 -11.06 4.14 12.21
N TYR A 111 -10.14 3.22 12.50
CA TYR A 111 -9.00 2.98 11.59
C TYR A 111 -9.44 2.61 10.18
N VAL A 112 -10.31 1.62 10.05
CA VAL A 112 -10.74 1.19 8.73
C VAL A 112 -11.42 2.34 8.01
N ASN A 113 -12.28 3.08 8.71
CA ASN A 113 -13.00 4.21 8.08
C ASN A 113 -11.99 5.16 7.46
N GLN A 114 -10.88 5.40 8.17
CA GLN A 114 -9.88 6.36 7.73
C GLN A 114 -8.81 5.78 6.82
N HIS A 115 -8.42 4.52 7.04
CA HIS A 115 -7.24 4.00 6.36
C HIS A 115 -7.44 2.69 5.65
N GLY A 116 -8.67 2.15 5.66
CA GLY A 116 -8.95 0.83 5.00
C GLY A 116 -8.41 -0.37 5.77
N PHE A 117 -8.13 -1.44 5.05
CA PHE A 117 -7.76 -2.73 5.60
C PHE A 117 -6.27 -2.94 5.39
N ASN A 118 -5.57 -3.31 6.44
CA ASN A 118 -4.11 -3.35 6.46
C ASN A 118 -3.70 -4.79 6.68
N ARG A 119 -2.99 -5.38 5.73
CA ARG A 119 -2.54 -6.76 5.89
C ARG A 119 -1.63 -6.96 7.11
N SER A 120 -1.00 -5.88 7.59
CA SER A 120 -0.02 -5.92 8.69
C SER A 120 -0.67 -6.05 10.10
N CYS A 121 -1.98 -5.82 10.16
CA CYS A 121 -2.78 -6.11 11.33
C CYS A 121 -3.40 -7.50 11.14
N ALA A 122 -4.47 -7.53 10.32
CA ALA A 122 -5.33 -8.69 9.98
C ALA A 122 -5.53 -9.74 11.10
N SER A 128 -4.64 -18.60 6.07
CA SER A 128 -4.57 -19.88 5.37
C SER A 128 -4.34 -19.76 3.85
N TYR A 129 -4.65 -18.60 3.27
CA TYR A 129 -4.48 -18.42 1.84
C TYR A 129 -3.55 -17.27 1.50
N GLY A 130 -2.77 -16.83 2.47
CA GLY A 130 -1.84 -15.76 2.27
C GLY A 130 -1.97 -14.69 3.32
N LYS A 131 -0.85 -13.99 3.50
CA LYS A 131 -0.78 -12.84 4.37
C LYS A 131 -1.30 -11.58 3.65
N GLY A 132 -2.60 -11.52 3.40
CA GLY A 132 -3.25 -10.34 2.86
C GLY A 132 -4.49 -10.01 3.68
N THR A 133 -5.42 -9.26 3.10
CA THR A 133 -6.65 -8.98 3.79
C THR A 133 -7.75 -9.77 3.10
N TYR A 134 -8.71 -10.23 3.90
CA TYR A 134 -9.67 -11.26 3.49
C TYR A 134 -11.03 -10.66 3.38
N PHE A 135 -11.73 -10.98 2.29
CA PHE A 135 -13.03 -10.41 1.98
C PHE A 135 -13.97 -11.56 1.58
N ALA A 136 -15.17 -11.57 2.19
CA ALA A 136 -16.13 -12.65 1.98
C ALA A 136 -17.14 -12.33 0.90
N VAL A 137 -17.48 -13.34 0.10
CA VAL A 137 -18.60 -13.26 -0.83
C VAL A 137 -19.97 -13.10 -0.10
N ASP A 138 -20.12 -13.80 1.02
CA ASP A 138 -21.42 -13.92 1.69
C ASP A 138 -21.33 -13.17 2.99
N ALA A 139 -22.32 -12.35 3.32
CA ALA A 139 -22.35 -11.64 4.64
C ALA A 139 -22.35 -12.63 5.80
N SER A 140 -22.97 -13.80 5.61
CA SER A 140 -22.96 -14.85 6.63
C SER A 140 -21.53 -15.20 7.13
N TYR A 141 -20.57 -15.22 6.23
CA TYR A 141 -19.19 -15.52 6.60
C TYR A 141 -18.63 -14.49 7.58
N SER A 142 -18.76 -13.21 7.23
CA SER A 142 -18.38 -12.07 8.07
C SER A 142 -19.18 -11.90 9.37
N ALA A 143 -20.41 -12.44 9.39
CA ALA A 143 -21.31 -12.29 10.54
C ALA A 143 -20.83 -13.10 11.73
N LYS A 144 -19.96 -14.08 11.46
CA LYS A 144 -19.34 -14.90 12.51
C LYS A 144 -18.70 -14.00 13.56
N ASP A 145 -18.90 -14.38 14.83
CA ASP A 145 -18.40 -13.60 15.98
C ASP A 145 -16.90 -13.41 15.98
N THR A 146 -16.17 -14.34 15.37
CA THR A 146 -14.71 -14.23 15.34
C THR A 146 -14.30 -13.07 14.42
N TYR A 147 -15.18 -12.71 13.47
CA TYR A 147 -14.87 -11.64 12.50
C TYR A 147 -15.56 -10.35 12.81
N SER A 148 -16.87 -10.39 13.03
CA SER A 148 -17.58 -9.21 13.51
C SER A 148 -17.88 -9.36 14.98
N LYS A 149 -16.84 -9.25 15.79
CA LYS A 149 -16.96 -9.41 17.25
C LYS A 149 -18.02 -8.48 17.91
N PRO A 150 -19.03 -9.07 18.56
CA PRO A 150 -20.06 -8.28 19.22
C PRO A 150 -19.44 -7.35 20.25
N ASP A 151 -19.76 -6.06 20.18
CA ASP A 151 -19.27 -5.15 21.21
C ASP A 151 -20.05 -5.34 22.52
N SER A 152 -19.79 -4.43 23.46
CA SER A 152 -20.40 -4.44 24.78
C SER A 152 -21.92 -4.38 24.70
N ASN A 153 -22.44 -3.64 23.72
CA ASN A 153 -23.89 -3.51 23.51
C ASN A 153 -24.49 -4.68 22.70
N GLY A 154 -23.65 -5.61 22.26
CA GLY A 154 -24.10 -6.72 21.40
C GLY A 154 -24.11 -6.34 19.93
N ARG A 155 -23.52 -5.18 19.63
CA ARG A 155 -23.53 -4.64 18.27
C ARG A 155 -22.37 -5.18 17.45
N LYS A 156 -22.70 -5.66 16.25
CA LYS A 156 -21.69 -6.24 15.35
C LYS A 156 -21.56 -5.30 14.18
N HIS A 157 -20.42 -5.38 13.48
CA HIS A 157 -20.06 -4.42 12.43
C HIS A 157 -19.44 -5.18 11.31
N MET A 158 -19.91 -4.96 10.09
CA MET A 158 -19.21 -5.42 8.92
C MET A 158 -19.25 -4.35 7.85
N TYR A 159 -18.22 -4.37 6.99
CA TYR A 159 -18.18 -3.48 5.84
C TYR A 159 -18.62 -4.19 4.60
N VAL A 160 -19.22 -3.41 3.71
CA VAL A 160 -19.39 -3.72 2.30
C VAL A 160 -18.24 -3.03 1.59
N VAL A 161 -17.51 -3.78 0.77
CA VAL A 161 -16.19 -3.35 0.32
C VAL A 161 -16.05 -3.57 -1.17
N ARG A 162 -15.59 -2.54 -1.88
CA ARG A 162 -15.22 -2.72 -3.27
C ARG A 162 -13.81 -3.26 -3.31
N VAL A 163 -13.67 -4.46 -3.86
CA VAL A 163 -12.38 -5.12 -3.94
C VAL A 163 -11.93 -5.31 -5.36
N LEU A 164 -10.67 -4.92 -5.62
CA LEU A 164 -9.99 -5.18 -6.91
C LEU A 164 -9.44 -6.61 -7.00
N THR A 165 -10.36 -7.54 -7.24
CA THR A 165 -10.02 -8.97 -7.27
C THR A 165 -9.26 -9.32 -8.56
N GLY A 166 -9.58 -8.62 -9.66
CA GLY A 166 -8.85 -8.77 -10.90
C GLY A 166 -8.86 -10.19 -11.42
N VAL A 167 -7.69 -10.67 -11.85
CA VAL A 167 -7.50 -12.05 -12.28
C VAL A 167 -6.95 -12.77 -11.03
N PHE A 168 -7.53 -13.91 -10.69
CA PHE A 168 -7.23 -14.54 -9.42
C PHE A 168 -6.88 -15.99 -9.61
N THR A 169 -6.33 -16.61 -8.55
CA THR A 169 -5.92 -17.99 -8.59
C THR A 169 -6.08 -18.51 -7.19
N LYS A 170 -5.98 -19.83 -7.01
CA LYS A 170 -6.08 -20.40 -5.67
C LYS A 170 -4.89 -19.94 -4.79
N GLY A 171 -5.20 -19.51 -3.56
CA GLY A 171 -4.16 -19.12 -2.63
C GLY A 171 -3.62 -20.31 -1.88
N ARG A 172 -2.65 -20.06 -1.01
CA ARG A 172 -2.07 -21.10 -0.16
C ARG A 172 -1.37 -20.38 0.97
N ALA A 173 -1.05 -21.07 2.06
CA ALA A 173 -0.48 -20.37 3.23
C ALA A 173 0.87 -19.76 2.92
N GLY A 174 1.19 -18.63 3.57
CA GLY A 174 2.54 -18.08 3.51
C GLY A 174 2.77 -17.11 2.37
N LEU A 175 1.87 -17.06 1.39
CA LEU A 175 1.96 -16.07 0.28
C LEU A 175 2.05 -14.65 0.85
N VAL A 176 3.00 -13.83 0.39
CA VAL A 176 3.03 -12.41 0.74
C VAL A 176 2.58 -11.52 -0.43
N THR A 177 2.55 -12.06 -1.63
CA THR A 177 1.87 -11.41 -2.74
C THR A 177 1.19 -12.51 -3.52
N PRO A 178 0.33 -12.16 -4.51
CA PRO A 178 -0.26 -13.30 -5.20
C PRO A 178 0.82 -14.00 -6.06
N PRO A 179 0.55 -15.26 -6.49
CA PRO A 179 1.50 -15.92 -7.37
C PRO A 179 1.66 -15.20 -8.72
N PRO A 180 2.79 -15.42 -9.41
CA PRO A 180 2.90 -14.95 -10.79
C PRO A 180 1.96 -15.68 -11.74
N LYS A 181 1.48 -15.01 -12.77
CA LYS A 181 0.57 -15.64 -13.73
C LYS A 181 1.28 -16.75 -14.51
N ASN A 182 2.54 -16.47 -14.83
CA ASN A 182 3.43 -17.41 -15.51
C ASN A 182 4.74 -17.45 -14.73
N PRO A 183 5.17 -18.64 -14.28
CA PRO A 183 6.40 -18.74 -13.47
C PRO A 183 7.68 -18.34 -14.24
N HIS A 184 7.54 -17.99 -15.51
CA HIS A 184 8.68 -17.53 -16.31
C HIS A 184 8.75 -16.00 -16.46
N ASN A 185 7.65 -15.31 -16.14
CA ASN A 185 7.70 -13.88 -15.85
C ASN A 185 7.29 -13.65 -14.39
N PRO A 186 8.26 -13.82 -13.47
CA PRO A 186 7.91 -13.93 -12.05
C PRO A 186 7.36 -12.64 -11.40
N THR A 187 7.42 -11.49 -12.08
CA THR A 187 6.92 -10.22 -11.49
C THR A 187 5.54 -9.85 -12.03
N ASP A 188 5.07 -10.60 -13.03
CA ASP A 188 3.72 -10.40 -13.55
C ASP A 188 2.73 -11.23 -12.75
N LEU A 189 2.02 -10.56 -11.84
CA LEU A 189 1.29 -11.25 -10.75
C LEU A 189 -0.23 -11.34 -11.00
N PHE A 190 -0.85 -12.39 -10.48
CA PHE A 190 -2.30 -12.38 -10.28
C PHE A 190 -2.70 -11.16 -9.41
N ASP A 191 -3.98 -10.76 -9.43
CA ASP A 191 -4.40 -9.62 -8.58
C ASP A 191 -4.84 -9.95 -7.18
N SER A 192 -5.33 -11.18 -7.03
CA SER A 192 -5.88 -11.66 -5.77
C SER A 192 -5.77 -13.15 -5.77
N VAL A 193 -6.02 -13.77 -4.63
CA VAL A 193 -6.16 -15.22 -4.58
C VAL A 193 -7.52 -15.55 -3.94
N THR A 194 -7.92 -16.81 -4.01
CA THR A 194 -9.16 -17.25 -3.44
C THR A 194 -8.98 -18.67 -2.85
N ASN A 195 -9.99 -19.12 -2.12
CA ASN A 195 -10.02 -20.51 -1.58
C ASN A 195 -10.39 -21.54 -2.66
N ASN A 196 -11.19 -21.12 -3.63
CA ASN A 196 -11.76 -22.02 -4.64
C ASN A 196 -12.04 -21.16 -5.86
N THR A 197 -11.36 -21.41 -6.98
CA THR A 197 -11.48 -20.56 -8.16
C THR A 197 -12.81 -20.75 -8.93
N ARG A 198 -13.32 -21.97 -8.95
CA ARG A 198 -14.58 -22.28 -9.63
C ARG A 198 -15.74 -21.70 -8.83
N SER A 199 -15.66 -21.77 -7.51
CA SER A 199 -16.73 -21.27 -6.64
C SER A 199 -16.18 -20.58 -5.37
N PRO A 200 -15.67 -19.34 -5.54
CA PRO A 200 -14.96 -18.61 -4.47
C PRO A 200 -15.89 -18.17 -3.33
N LYS A 201 -15.49 -18.36 -2.07
CA LYS A 201 -16.22 -17.81 -0.92
C LYS A 201 -15.46 -16.66 -0.22
N LEU A 202 -14.19 -16.53 -0.56
CA LEU A 202 -13.30 -15.47 -0.06
C LEU A 202 -12.22 -15.12 -1.05
N PHE A 203 -11.76 -13.86 -0.94
CA PHE A 203 -10.68 -13.34 -1.76
C PHE A 203 -9.70 -12.66 -0.83
N VAL A 204 -8.42 -12.74 -1.21
CA VAL A 204 -7.31 -12.23 -0.39
C VAL A 204 -6.60 -11.25 -1.34
N VAL A 205 -6.51 -9.98 -0.92
CA VAL A 205 -5.64 -9.05 -1.67
C VAL A 205 -4.42 -8.68 -0.81
N PHE A 206 -3.34 -8.21 -1.45
CA PHE A 206 -2.03 -8.15 -0.80
C PHE A 206 -1.44 -6.77 -0.73
N PHE A 207 -2.14 -5.79 -1.33
CA PHE A 207 -1.69 -4.40 -1.35
C PHE A 207 -2.72 -3.45 -0.82
N ASP A 208 -2.25 -2.24 -0.50
CA ASP A 208 -3.06 -1.25 0.18
C ASP A 208 -4.13 -0.59 -0.67
N ASN A 209 -3.98 -0.59 -1.97
CA ASN A 209 -4.95 0.23 -2.73
C ASN A 209 -6.04 -0.63 -3.38
N GLN A 210 -6.23 -1.88 -2.89
CA GLN A 210 -7.09 -2.83 -3.59
C GLN A 210 -8.47 -3.04 -2.97
N ALA A 211 -8.78 -2.32 -1.92
CA ALA A 211 -10.05 -2.52 -1.17
C ALA A 211 -10.58 -1.20 -0.63
N TYR A 212 -11.73 -0.74 -1.13
CA TYR A 212 -12.34 0.46 -0.59
C TYR A 212 -13.54 0.11 0.31
N PRO A 213 -13.47 0.53 1.60
CA PRO A 213 -14.58 0.38 2.53
C PRO A 213 -15.74 1.32 2.16
N GLU A 214 -16.78 0.78 1.53
CA GLU A 214 -17.83 1.64 0.97
C GLU A 214 -19.00 1.90 1.94
N TYR A 215 -19.44 0.88 2.67
CA TYR A 215 -20.54 0.99 3.62
C TYR A 215 -20.20 0.30 4.86
N LEU A 216 -20.68 0.84 5.99
CA LEU A 216 -20.57 0.13 7.26
C LEU A 216 -21.98 -0.22 7.76
N ILE A 217 -22.20 -1.53 8.01
CA ILE A 217 -23.44 -2.09 8.51
C ILE A 217 -23.26 -2.42 9.97
N THR A 218 -24.00 -1.73 10.82
CA THR A 218 -24.07 -2.04 12.23
C THR A 218 -25.33 -2.91 12.44
N PHE A 219 -25.20 -4.04 13.12
CA PHE A 219 -26.31 -5.00 13.18
C PHE A 219 -26.26 -5.86 14.44
N THR A 220 -27.35 -6.58 14.72
CA THR A 220 -27.36 -7.47 15.89
C THR A 220 -27.89 -8.86 15.58
N ALA A 221 -27.43 -9.85 16.35
CA ALA A 221 -27.76 -11.26 16.12
C ALA A 221 -29.20 -11.63 16.49
N ASN B 24 0.33 10.81 -16.00
CA ASN B 24 0.92 12.16 -16.28
C ASN B 24 2.43 12.18 -15.98
N LEU B 25 3.22 11.58 -16.88
CA LEU B 25 4.61 11.18 -16.58
C LEU B 25 5.62 12.34 -16.71
N PRO B 26 6.71 12.32 -15.92
CA PRO B 26 7.68 13.43 -16.01
C PRO B 26 8.28 13.64 -17.41
N GLU B 27 8.46 14.89 -17.83
CA GLU B 27 8.95 15.23 -19.17
C GLU B 27 10.45 15.02 -19.40
N HIS B 28 11.21 14.76 -18.36
CA HIS B 28 12.59 14.38 -18.59
C HIS B 28 12.72 12.88 -18.86
N TRP B 29 11.61 12.15 -18.76
CA TRP B 29 11.61 10.71 -19.05
C TRP B 29 11.74 10.44 -20.54
N THR B 30 12.53 9.44 -20.85
CA THR B 30 12.52 8.77 -22.12
C THR B 30 11.06 8.45 -22.52
N ASP B 31 10.74 8.72 -23.79
CA ASP B 31 9.45 8.30 -24.31
C ASP B 31 9.47 6.77 -24.41
N MET B 32 8.50 6.13 -23.77
CA MET B 32 8.50 4.66 -23.65
C MET B 32 7.66 3.94 -24.70
N ASN B 33 6.97 4.71 -25.54
CA ASN B 33 6.13 4.19 -26.63
C ASN B 33 5.08 3.25 -26.10
N HIS B 34 4.14 3.84 -25.35
CA HIS B 34 2.96 3.14 -24.79
C HIS B 34 3.29 2.01 -23.80
N GLN B 35 4.58 1.77 -23.56
CA GLN B 35 5.01 0.85 -22.49
C GLN B 35 4.88 1.52 -21.14
N LEU B 36 4.82 0.68 -20.11
CA LEU B 36 4.56 1.10 -18.72
C LEU B 36 5.82 1.06 -17.82
N PHE B 37 6.86 0.35 -18.26
CA PHE B 37 8.07 0.22 -17.48
C PHE B 37 9.35 0.26 -18.34
N CYS B 38 10.36 0.94 -17.82
CA CYS B 38 11.62 1.04 -18.52
C CYS B 38 12.76 1.45 -17.56
N MET B 39 13.92 0.80 -17.66
CA MET B 39 15.15 1.19 -16.93
C MET B 39 16.04 1.91 -17.91
N VAL B 40 16.40 3.16 -17.62
CA VAL B 40 17.19 3.98 -18.54
C VAL B 40 18.59 4.22 -17.94
N GLN B 41 19.61 3.75 -18.66
CA GLN B 41 20.97 3.88 -18.25
C GLN B 41 21.44 5.33 -18.38
N LEU B 42 22.01 5.86 -17.32
CA LEU B 42 22.44 7.24 -17.33
C LEU B 42 23.88 7.31 -17.81
N GLU B 43 24.30 8.52 -18.11
CA GLU B 43 25.49 8.78 -18.89
C GLU B 43 26.32 9.73 -18.01
N PRO B 44 27.54 9.31 -17.60
CA PRO B 44 28.33 10.09 -16.64
C PRO B 44 28.53 11.58 -16.84
N GLY B 45 28.43 12.09 -18.06
CA GLY B 45 28.50 13.56 -18.21
C GLY B 45 27.29 14.31 -17.66
N GLN B 46 26.13 13.66 -17.72
CA GLN B 46 24.86 14.26 -17.30
C GLN B 46 24.90 14.79 -15.86
N SER B 47 24.23 15.90 -15.61
CA SER B 47 24.01 16.39 -14.23
C SER B 47 23.18 15.38 -13.43
N GLU B 48 22.26 14.71 -14.10
CA GLU B 48 21.46 13.69 -13.46
C GLU B 48 22.32 12.56 -12.86
N TYR B 49 23.26 12.05 -13.65
CA TYR B 49 24.19 11.05 -13.20
C TYR B 49 25.08 11.60 -12.06
N ASN B 50 25.59 12.82 -12.23
CA ASN B 50 26.64 13.32 -11.34
C ASN B 50 26.08 13.69 -9.97
N THR B 51 24.84 14.17 -9.94
CA THR B 51 24.24 14.48 -8.67
C THR B 51 24.03 13.22 -7.84
N ILE B 52 23.58 12.15 -8.47
CA ILE B 52 23.47 10.85 -7.77
C ILE B 52 24.84 10.34 -7.34
N LYS B 53 25.78 10.26 -8.27
CA LYS B 53 27.16 9.93 -7.93
C LYS B 53 27.66 10.72 -6.70
N ASP B 54 27.54 12.04 -6.72
CA ASP B 54 28.01 12.89 -5.61
C ASP B 54 27.29 12.56 -4.33
N LYS B 55 25.99 12.33 -4.40
CA LYS B 55 25.21 11.99 -3.19
C LYS B 55 25.74 10.69 -2.60
N PHE B 56 25.98 9.72 -3.47
CA PHE B 56 26.57 8.41 -3.10
C PHE B 56 27.99 8.54 -2.51
N THR B 57 28.85 9.26 -3.21
CA THR B 57 30.26 9.38 -2.81
C THR B 57 30.46 10.30 -1.58
N ARG B 58 29.45 11.11 -1.23
CA ARG B 58 29.43 11.85 0.03
C ARG B 58 29.83 10.93 1.19
N THR B 59 29.26 9.72 1.24
CA THR B 59 29.59 8.78 2.30
C THR B 59 30.24 7.46 1.86
N CYS B 60 30.24 7.19 0.55
CA CYS B 60 30.77 5.92 0.03
C CYS B 60 31.92 6.11 -0.93
N SER B 61 32.93 6.84 -0.49
CA SER B 61 34.02 7.19 -1.39
C SER B 61 34.93 6.00 -1.65
N SER B 62 34.90 5.01 -0.76
CA SER B 62 35.67 3.80 -0.96
C SER B 62 35.10 2.81 -2.02
N TYR B 63 33.85 3.02 -2.45
CA TYR B 63 33.18 2.10 -3.38
C TYR B 63 33.19 2.70 -4.79
N ALA B 64 32.99 1.91 -5.83
CA ALA B 64 33.05 2.48 -7.20
C ALA B 64 31.80 2.11 -7.97
N ILE B 65 31.17 3.12 -8.59
CA ILE B 65 29.93 2.92 -9.35
C ILE B 65 30.18 2.30 -10.73
N GLU B 66 29.48 1.20 -11.01
CA GLU B 66 29.41 0.62 -12.34
C GLU B 66 28.47 1.39 -13.29
N LYS B 67 27.21 1.57 -12.88
CA LYS B 67 26.20 2.25 -13.68
C LYS B 67 25.07 2.76 -12.79
N ILE B 68 24.36 3.77 -13.27
CA ILE B 68 23.18 4.31 -12.61
C ILE B 68 22.03 4.28 -13.63
N GLU B 69 20.94 3.65 -13.24
CA GLU B 69 19.77 3.52 -14.12
C GLU B 69 18.62 4.26 -13.55
N ARG B 70 17.99 5.05 -14.41
CA ARG B 70 16.73 5.67 -14.06
C ARG B 70 15.59 4.69 -14.22
N ILE B 71 14.73 4.64 -13.20
CA ILE B 71 13.61 3.71 -13.19
C ILE B 71 12.34 4.46 -13.62
N GLN B 72 11.72 4.03 -14.72
CA GLN B 72 10.52 4.69 -15.25
C GLN B 72 9.40 3.68 -15.16
N ASN B 73 8.64 3.78 -14.07
CA ASN B 73 7.53 2.88 -13.83
C ASN B 73 6.28 3.73 -13.74
N ALA B 74 5.51 3.77 -14.82
CA ALA B 74 4.27 4.62 -14.90
C ALA B 74 3.30 4.44 -13.73
N PHE B 75 3.00 3.19 -13.40
CA PHE B 75 2.02 2.87 -12.37
C PHE B 75 2.46 3.20 -10.96
N LEU B 76 3.69 2.83 -10.60
CA LEU B 76 4.21 3.22 -9.30
C LEU B 76 4.29 4.74 -9.18
N TRP B 77 4.79 5.39 -10.23
CA TRP B 77 4.93 6.84 -10.28
C TRP B 77 3.57 7.53 -10.02
N GLN B 78 2.55 7.07 -10.72
CA GLN B 78 1.18 7.58 -10.59
C GLN B 78 0.58 7.39 -9.17
N SER B 79 0.66 6.17 -8.62
CA SER B 79 0.21 5.91 -7.25
C SER B 79 0.98 6.67 -6.20
N TYR B 80 2.30 6.73 -6.36
CA TYR B 80 3.17 7.53 -5.47
C TYR B 80 2.83 9.02 -5.51
N GLN B 81 2.68 9.59 -6.72
CA GLN B 81 2.33 10.99 -6.83
C GLN B 81 1.00 11.40 -6.24
N VAL B 82 0.00 10.51 -6.33
CA VAL B 82 -1.28 10.74 -5.70
C VAL B 82 -1.10 10.85 -4.18
N LYS B 83 -0.31 9.95 -3.61
CA LYS B 83 -0.08 9.97 -2.17
C LYS B 83 0.73 11.21 -1.78
N LYS B 84 1.64 11.65 -2.65
CA LYS B 84 2.38 12.90 -2.39
C LYS B 84 1.42 14.08 -2.34
N ARG B 85 0.48 14.13 -3.30
CA ARG B 85 -0.47 15.22 -3.38
C ARG B 85 -1.32 15.29 -2.11
N GLN B 86 -1.76 14.13 -1.66
CA GLN B 86 -2.59 13.98 -0.47
C GLN B 86 -1.83 14.43 0.74
N MET B 87 -0.58 14.01 0.87
CA MET B 87 0.23 14.41 2.01
C MET B 87 0.55 15.89 1.98
N ASP B 88 0.81 16.43 0.78
CA ASP B 88 0.96 17.88 0.61
C ASP B 88 -0.27 18.66 1.05
N ILE B 89 -1.46 18.12 0.76
CA ILE B 89 -2.71 18.72 1.18
C ILE B 89 -2.84 18.61 2.69
N LYS B 90 -2.67 17.41 3.23
CA LYS B 90 -2.97 17.21 4.65
C LYS B 90 -1.97 17.94 5.55
N ASN B 91 -0.70 18.01 5.15
CA ASN B 91 0.31 18.62 6.02
C ASN B 91 0.42 20.13 5.76
N ASP B 92 0.86 20.87 6.78
CA ASP B 92 0.87 22.34 6.65
C ASP B 92 2.18 22.82 6.01
N HIS B 93 2.18 22.99 4.69
CA HIS B 93 3.38 23.46 3.97
C HIS B 93 4.67 22.75 4.42
N LYS B 94 4.62 21.43 4.55
CA LYS B 94 5.78 20.70 4.99
C LYS B 94 6.58 20.29 3.77
N ASN B 95 7.84 19.98 4.01
CA ASN B 95 8.67 19.29 3.06
C ASN B 95 8.49 17.80 3.26
N ASN B 96 7.64 17.20 2.43
CA ASN B 96 7.13 15.88 2.71
C ASN B 96 7.95 14.73 2.16
N GLU B 97 8.79 15.03 1.18
CA GLU B 97 9.59 14.06 0.48
C GLU B 97 11.09 14.27 0.71
N ARG B 98 11.81 13.17 0.95
CA ARG B 98 13.25 13.15 1.01
C ARG B 98 13.74 12.19 -0.04
N LEU B 99 15.03 12.30 -0.39
CA LEU B 99 15.65 11.39 -1.35
C LEU B 99 16.59 10.54 -0.53
N LEU B 100 16.34 9.22 -0.52
CA LEU B 100 17.00 8.37 0.44
C LEU B 100 17.52 7.09 -0.23
N PHE B 101 18.26 6.27 0.51
CA PHE B 101 18.89 5.08 -0.06
C PHE B 101 18.29 3.84 0.52
N HIS B 102 18.28 2.79 -0.30
CA HIS B 102 17.87 1.50 0.14
C HIS B 102 18.80 0.46 -0.54
N GLY B 103 19.65 -0.20 0.26
CA GLY B 103 20.41 -1.38 -0.26
C GLY B 103 19.52 -2.56 -0.49
N THR B 104 19.77 -3.33 -1.53
CA THR B 104 18.97 -4.54 -1.78
C THR B 104 19.87 -5.69 -2.33
N ASP B 105 19.40 -6.94 -2.23
CA ASP B 105 20.05 -8.06 -2.95
C ASP B 105 19.59 -8.06 -4.39
N ALA B 106 20.40 -8.62 -5.27
CA ALA B 106 20.12 -8.74 -6.69
C ALA B 106 18.81 -9.46 -6.97
N ASP B 107 18.45 -10.39 -6.10
CA ASP B 107 17.27 -11.17 -6.34
C ASP B 107 15.98 -10.38 -6.15
N SER B 108 16.03 -9.25 -5.44
CA SER B 108 14.84 -8.41 -5.16
C SER B 108 14.69 -7.29 -6.18
N VAL B 109 15.70 -7.12 -7.04
CA VAL B 109 15.75 -5.98 -7.99
C VAL B 109 14.57 -6.01 -8.98
N PRO B 110 14.35 -7.14 -9.70
CA PRO B 110 13.15 -7.23 -10.56
C PRO B 110 11.84 -6.86 -9.84
N TYR B 111 11.59 -7.39 -8.64
CA TYR B 111 10.41 -7.04 -7.86
C TYR B 111 10.32 -5.54 -7.51
N VAL B 112 11.41 -4.96 -7.03
CA VAL B 112 11.37 -3.53 -6.64
C VAL B 112 11.15 -2.65 -7.85
N ASN B 113 11.87 -2.92 -8.95
CA ASN B 113 11.73 -2.12 -10.18
C ASN B 113 10.28 -2.06 -10.63
N GLN B 114 9.60 -3.19 -10.49
CA GLN B 114 8.23 -3.36 -10.97
C GLN B 114 7.14 -2.95 -9.95
N HIS B 115 7.38 -3.26 -8.67
CA HIS B 115 6.34 -3.22 -7.64
C HIS B 115 6.70 -2.37 -6.42
N GLY B 116 7.93 -1.84 -6.39
CA GLY B 116 8.33 -0.98 -5.31
C GLY B 116 8.65 -1.79 -4.08
N PHE B 117 8.58 -1.12 -2.92
CA PHE B 117 9.06 -1.64 -1.64
C PHE B 117 7.91 -2.17 -0.85
N ASN B 118 8.03 -3.45 -0.46
CA ASN B 118 6.97 -4.18 0.22
C ASN B 118 7.31 -4.53 1.66
N ARG B 119 6.59 -3.93 2.61
CA ARG B 119 6.89 -4.06 4.06
C ARG B 119 6.82 -5.50 4.53
N SER B 120 6.00 -6.29 3.82
CA SER B 120 5.84 -7.73 4.06
C SER B 120 7.09 -8.54 3.71
N CYS B 121 7.90 -7.98 2.80
CA CYS B 121 9.17 -8.58 2.35
C CYS B 121 10.43 -8.02 2.98
N ALA B 122 10.30 -7.05 3.88
CA ALA B 122 11.45 -6.36 4.48
C ALA B 122 12.17 -7.23 5.52
N GLY B 123 13.49 -7.13 5.56
CA GLY B 123 14.23 -7.83 6.59
C GLY B 123 14.30 -6.93 7.81
N LYS B 124 14.45 -7.51 9.00
CA LYS B 124 14.84 -6.77 10.18
C LYS B 124 16.08 -5.86 9.98
N ASN B 125 16.03 -4.66 10.58
CA ASN B 125 17.20 -3.80 10.65
C ASN B 125 17.97 -4.17 11.94
N ALA B 126 19.30 -3.98 11.93
CA ALA B 126 20.11 -4.17 13.14
C ALA B 126 19.50 -3.42 14.31
N VAL B 127 19.02 -2.20 14.06
CA VAL B 127 18.28 -1.44 15.07
C VAL B 127 16.84 -1.19 14.58
N SER B 128 15.86 -1.78 15.25
CA SER B 128 14.51 -1.72 14.73
C SER B 128 13.63 -0.62 15.34
N TYR B 129 13.06 0.22 14.46
CA TYR B 129 12.12 1.30 14.83
C TYR B 129 10.74 1.06 14.23
N GLY B 130 10.49 -0.17 13.83
CA GLY B 130 9.17 -0.57 13.35
C GLY B 130 9.26 -1.57 12.24
N LYS B 131 8.13 -2.23 11.97
CA LYS B 131 8.00 -3.20 10.88
C LYS B 131 7.52 -2.57 9.56
N GLY B 132 8.43 -1.91 8.87
CA GLY B 132 8.14 -1.31 7.61
C GLY B 132 9.42 -1.32 6.78
N THR B 133 9.45 -0.50 5.74
CA THR B 133 10.62 -0.45 4.84
C THR B 133 11.51 0.71 5.25
N TYR B 134 12.83 0.41 5.33
CA TYR B 134 13.86 1.29 5.88
C TYR B 134 14.58 1.98 4.75
N PHE B 135 14.85 3.27 4.97
CA PHE B 135 15.49 4.12 4.01
C PHE B 135 16.54 4.95 4.72
N ALA B 136 17.76 4.96 4.17
CA ALA B 136 18.89 5.58 4.86
C ALA B 136 19.20 6.96 4.26
N VAL B 137 19.59 7.90 5.12
CA VAL B 137 20.06 9.21 4.74
C VAL B 137 21.40 9.04 4.04
N ASP B 138 22.29 8.23 4.63
CA ASP B 138 23.65 8.01 4.07
C ASP B 138 23.72 6.74 3.23
N ALA B 139 24.22 6.88 2.00
CA ALA B 139 24.61 5.74 1.20
C ALA B 139 25.50 4.74 1.93
N SER B 140 26.43 5.20 2.77
CA SER B 140 27.25 4.27 3.59
C SER B 140 26.44 3.23 4.34
N TYR B 141 25.31 3.65 4.90
CA TYR B 141 24.49 2.71 5.61
C TYR B 141 24.03 1.61 4.67
N SER B 142 23.32 1.97 3.61
CA SER B 142 22.83 1.06 2.58
C SER B 142 23.88 0.20 1.88
N ALA B 143 25.11 0.69 1.86
CA ALA B 143 26.27 0.02 1.24
C ALA B 143 26.83 -1.16 2.05
N LYS B 144 26.36 -1.32 3.28
CA LYS B 144 26.72 -2.48 4.11
C LYS B 144 26.30 -3.81 3.49
N ASP B 145 27.21 -4.78 3.44
CA ASP B 145 26.89 -6.11 2.92
C ASP B 145 25.60 -6.70 3.41
N THR B 146 25.24 -6.39 4.66
CA THR B 146 23.94 -6.78 5.24
C THR B 146 22.74 -6.32 4.42
N TYR B 147 22.79 -5.11 3.87
CA TYR B 147 21.66 -4.54 3.08
C TYR B 147 21.85 -4.76 1.58
N SER B 148 22.95 -4.25 1.03
CA SER B 148 23.24 -4.49 -0.38
C SER B 148 24.18 -5.70 -0.57
N LYS B 149 23.61 -6.88 -0.45
CA LYS B 149 24.41 -8.11 -0.52
C LYS B 149 25.08 -8.28 -1.90
N PRO B 150 26.40 -8.57 -1.90
CA PRO B 150 27.12 -8.79 -3.15
C PRO B 150 26.50 -9.93 -3.98
N ASP B 151 26.15 -9.70 -5.24
CA ASP B 151 25.69 -10.81 -6.08
C ASP B 151 26.88 -11.74 -6.41
N SER B 152 26.63 -12.83 -7.14
CA SER B 152 27.72 -13.78 -7.39
C SER B 152 28.86 -13.24 -8.25
N ASN B 153 28.67 -12.03 -8.83
CA ASN B 153 29.75 -11.31 -9.51
C ASN B 153 30.38 -10.18 -8.71
N GLY B 154 30.01 -9.99 -7.46
CA GLY B 154 30.64 -8.94 -6.65
C GLY B 154 29.93 -7.62 -6.78
N ARG B 155 28.80 -7.59 -7.47
CA ARG B 155 28.06 -6.36 -7.66
C ARG B 155 27.10 -6.13 -6.52
N LYS B 156 27.17 -4.93 -5.96
CA LYS B 156 26.22 -4.53 -4.94
C LYS B 156 25.19 -3.53 -5.54
N HIS B 157 24.00 -3.46 -4.94
CA HIS B 157 22.84 -2.75 -5.52
C HIS B 157 22.16 -1.87 -4.47
N MET B 158 21.90 -0.63 -4.83
CA MET B 158 21.29 0.31 -3.92
C MET B 158 20.31 1.17 -4.73
N TYR B 159 19.10 1.38 -4.22
CA TYR B 159 18.15 2.31 -4.86
C TYR B 159 18.28 3.70 -4.29
N VAL B 160 17.96 4.68 -5.12
CA VAL B 160 17.85 6.07 -4.74
C VAL B 160 16.35 6.30 -4.85
N VAL B 161 15.75 6.68 -3.73
CA VAL B 161 14.31 6.65 -3.58
C VAL B 161 13.71 8.01 -3.17
N ARG B 162 12.61 8.40 -3.84
CA ARG B 162 11.81 9.47 -3.27
C ARG B 162 10.91 8.83 -2.22
N VAL B 163 10.99 9.35 -0.99
CA VAL B 163 10.23 8.78 0.13
C VAL B 163 9.39 9.85 0.77
N LEU B 164 8.12 9.53 1.07
CA LEU B 164 7.23 10.50 1.69
C LEU B 164 7.31 10.40 3.21
N THR B 165 8.35 11.04 3.74
CA THR B 165 8.63 11.02 5.18
C THR B 165 7.64 11.88 6.00
N GLY B 166 7.10 12.93 5.34
CA GLY B 166 6.11 13.79 5.93
C GLY B 166 6.53 14.33 7.28
N VAL B 167 5.62 14.19 8.26
CA VAL B 167 5.88 14.52 9.68
C VAL B 167 6.21 13.25 10.43
N PHE B 168 7.28 13.29 11.20
CA PHE B 168 7.81 12.05 11.70
C PHE B 168 8.15 12.14 13.17
N THR B 169 8.25 10.97 13.80
CA THR B 169 8.60 10.89 15.21
C THR B 169 9.59 9.74 15.34
N LYS B 170 10.24 9.62 16.49
CA LYS B 170 11.06 8.44 16.75
C LYS B 170 10.18 7.17 16.78
N GLY B 171 10.62 6.11 16.11
CA GLY B 171 9.83 4.89 16.05
C GLY B 171 10.18 3.97 17.17
N ARG B 172 9.61 2.77 17.13
CA ARG B 172 9.88 1.75 18.11
C ARG B 172 9.63 0.40 17.49
N ALA B 173 10.42 -0.58 17.93
CA ALA B 173 10.43 -1.90 17.34
C ALA B 173 9.06 -2.50 17.09
N GLY B 174 8.07 -2.24 17.93
CA GLY B 174 6.82 -3.02 17.69
C GLY B 174 5.86 -2.47 16.64
N LEU B 175 6.18 -1.31 16.08
CA LEU B 175 5.24 -0.59 15.21
C LEU B 175 4.90 -1.36 13.96
N VAL B 176 3.61 -1.40 13.67
CA VAL B 176 3.08 -2.05 12.48
C VAL B 176 2.61 -0.93 11.50
N THR B 177 2.28 0.23 12.06
CA THR B 177 2.00 1.46 11.34
C THR B 177 2.69 2.53 12.15
N PRO B 178 2.75 3.78 11.63
CA PRO B 178 3.34 4.83 12.44
C PRO B 178 2.40 5.15 13.59
N PRO B 179 2.95 5.68 14.70
CA PRO B 179 2.10 5.84 15.84
C PRO B 179 1.18 7.04 15.62
N PRO B 180 0.11 7.15 16.43
CA PRO B 180 -0.75 8.33 16.33
C PRO B 180 -0.02 9.56 16.82
N LYS B 181 -0.28 10.73 16.23
CA LYS B 181 0.24 12.00 16.76
C LYS B 181 -0.22 12.27 18.22
N ASN B 182 -1.44 11.89 18.52
CA ASN B 182 -2.12 12.10 19.81
C ASN B 182 -2.79 10.77 20.14
N PRO B 183 -2.50 10.19 21.34
CA PRO B 183 -3.10 8.89 21.72
C PRO B 183 -4.64 8.89 21.81
N HIS B 184 -5.23 10.07 21.98
CA HIS B 184 -6.70 10.17 22.09
C HIS B 184 -7.36 10.35 20.76
N ASN B 185 -6.52 10.36 19.71
CA ASN B 185 -7.01 10.27 18.32
C ASN B 185 -6.18 9.25 17.56
N PRO B 186 -6.47 7.95 17.75
CA PRO B 186 -5.55 6.92 17.29
C PRO B 186 -5.38 6.81 15.77
N THR B 187 -6.31 7.39 15.00
CA THR B 187 -6.25 7.25 13.56
C THR B 187 -5.52 8.37 12.83
N ASP B 188 -5.28 9.50 13.48
CA ASP B 188 -4.45 10.58 12.90
C ASP B 188 -2.96 10.28 13.17
N LEU B 189 -2.27 9.81 12.14
CA LEU B 189 -0.95 9.18 12.27
C LEU B 189 0.17 10.08 11.78
N PHE B 190 1.37 9.91 12.36
CA PHE B 190 2.63 10.38 11.74
C PHE B 190 2.73 9.71 10.38
N ASP B 191 3.45 10.33 9.46
CA ASP B 191 3.61 9.77 8.11
C ASP B 191 4.69 8.72 8.06
N SER B 192 5.71 8.87 8.92
CA SER B 192 6.82 7.94 8.99
C SER B 192 7.48 7.97 10.38
N VAL B 193 8.48 7.13 10.59
CA VAL B 193 9.25 7.21 11.85
C VAL B 193 10.71 7.25 11.54
N THR B 194 11.49 7.71 12.50
CA THR B 194 12.97 7.80 12.33
C THR B 194 13.66 7.21 13.57
N ASN B 195 14.98 7.05 13.46
CA ASN B 195 15.81 6.69 14.61
C ASN B 195 15.96 7.79 15.65
N ASN B 196 15.85 9.05 15.22
CA ASN B 196 16.22 10.20 16.04
C ASN B 196 15.79 11.44 15.26
N THR B 197 14.87 12.21 15.80
CA THR B 197 14.31 13.37 15.10
C THR B 197 15.27 14.56 15.12
N ARG B 198 16.12 14.66 16.16
CA ARG B 198 17.22 15.65 16.18
C ARG B 198 18.14 15.44 14.96
N SER B 199 18.63 14.20 14.78
CA SER B 199 19.54 13.84 13.67
C SER B 199 19.09 12.58 12.90
N PRO B 200 18.09 12.71 12.00
CA PRO B 200 17.60 11.51 11.35
C PRO B 200 18.64 10.87 10.43
N LYS B 201 18.88 9.58 10.62
CA LYS B 201 19.71 8.77 9.71
C LYS B 201 18.93 7.66 8.96
N LEU B 202 17.73 7.35 9.42
CA LEU B 202 16.84 6.36 8.75
C LEU B 202 15.41 6.75 8.92
N PHE B 203 14.58 6.33 7.98
CA PHE B 203 13.15 6.51 8.09
C PHE B 203 12.50 5.17 7.70
N VAL B 204 11.39 4.88 8.38
CA VAL B 204 10.60 3.68 8.14
C VAL B 204 9.26 4.13 7.59
N VAL B 205 8.82 3.52 6.50
CA VAL B 205 7.46 3.73 5.97
C VAL B 205 6.68 2.41 6.02
N PHE B 206 5.36 2.53 6.23
CA PHE B 206 4.53 1.40 6.64
C PHE B 206 3.38 1.14 5.65
N PHE B 207 3.38 1.85 4.52
CA PHE B 207 2.33 1.76 3.49
C PHE B 207 2.90 1.71 2.08
N ASP B 208 2.15 1.07 1.16
CA ASP B 208 2.59 0.88 -0.24
C ASP B 208 2.58 2.24 -0.92
N ASN B 209 3.34 2.41 -1.99
CA ASN B 209 3.32 3.69 -2.73
C ASN B 209 3.65 4.95 -1.87
N GLN B 210 4.30 4.77 -0.72
CA GLN B 210 4.87 5.92 -0.03
C GLN B 210 6.33 6.13 -0.41
N ALA B 211 6.85 5.30 -1.32
CA ALA B 211 8.26 5.42 -1.74
C ALA B 211 8.41 5.04 -3.21
N TYR B 212 8.98 5.95 -4.01
CA TYR B 212 9.22 5.68 -5.45
C TYR B 212 10.71 5.37 -5.69
N PRO B 213 11.02 4.16 -6.20
CA PRO B 213 12.40 3.82 -6.52
C PRO B 213 12.82 4.57 -7.79
N GLU B 214 13.64 5.61 -7.64
CA GLU B 214 13.89 6.48 -8.80
C GLU B 214 15.11 6.08 -9.65
N TYR B 215 16.17 5.60 -8.97
CA TYR B 215 17.42 5.20 -9.62
C TYR B 215 17.90 3.95 -8.97
N LEU B 216 18.64 3.13 -9.73
CA LEU B 216 19.28 1.99 -9.17
C LEU B 216 20.76 2.23 -9.41
N ILE B 217 21.55 2.17 -8.35
CA ILE B 217 23.02 2.27 -8.51
C ILE B 217 23.58 0.87 -8.46
N THR B 218 24.31 0.48 -9.51
CA THR B 218 25.09 -0.75 -9.46
C THR B 218 26.53 -0.36 -9.11
N PHE B 219 27.09 -1.02 -8.09
CA PHE B 219 28.40 -0.66 -7.61
C PHE B 219 29.17 -1.84 -7.07
N THR B 220 30.45 -1.58 -6.82
CA THR B 220 31.40 -2.62 -6.55
C THR B 220 32.46 -2.11 -5.59
N ALA B 221 33.27 -3.04 -5.08
CA ALA B 221 34.54 -2.71 -4.40
C ALA B 221 35.59 -2.22 -5.44
NA NA C . -7.38 -3.84 -20.77
CL CL D . -14.81 -11.33 7.27
C1 GOL E . -2.24 3.95 1.84
O1 GOL E . -1.34 2.97 1.32
C2 GOL E . -3.16 3.44 2.96
O2 GOL E . -4.23 2.72 2.41
C3 GOL E . -3.79 4.63 3.68
O3 GOL E . -2.87 5.19 4.59
NA NA F . -1.42 21.64 3.07
C1 GOL G . -0.12 7.02 7.80
O1 GOL G . 1.15 7.23 8.36
C2 GOL G . -0.47 8.27 7.04
O2 GOL G . -1.87 8.46 6.91
C3 GOL G . 0.27 8.20 5.71
O3 GOL G . 0.93 9.41 5.69
#